data_2BRX
#
_entry.id   2BRX
#
_cell.length_a   144.949
_cell.length_b   144.949
_cell.length_c   144.949
_cell.angle_alpha   90.00
_cell.angle_beta   90.00
_cell.angle_gamma   90.00
#
_symmetry.space_group_name_H-M   'I 2 3'
#
loop_
_entity.id
_entity.type
_entity.pdbx_description
1 polymer 'URIDYLATE KINASE'
2 water water
#
_entity_poly.entity_id   1
_entity_poly.type   'polypeptide(L)'
_entity_poly.pdbx_seq_one_letter_code
;GSSHHHHHHSSGLVPRGSHMRIVFDIGGSVLVPENPDIDFIKEIAYQLTKVSEDHEVAVVVGGGKLARKYIEVAEKFNSS
ETFKDFIGIQITRANAMLLIAALREKAYPVVVEDFWEAWKAVQLKKIPVMGGTHPGHTTDAVAALLAEFLKADLLVVITN
VDGVYTADPKKDPTAKKIKKMKPEELLEIVGKGIEKAGSSSVIDPLAAKIIARSGIKTIVIGKEDAKDLFRVIKGDHNGT
TIEP
;
_entity_poly.pdbx_strand_id   A,B
#
# COMPACT_ATOMS: atom_id res chain seq x y z
N HIS A 19 -34.35 6.67 -3.91
N HIS A 19 -34.30 6.90 -4.33
CA HIS A 19 -33.02 6.03 -3.65
CA HIS A 19 -33.16 6.28 -3.59
C HIS A 19 -31.92 7.09 -3.62
C HIS A 19 -32.06 7.31 -3.41
N MET A 20 -31.04 6.98 -2.64
CA MET A 20 -29.94 7.94 -2.45
C MET A 20 -28.59 7.46 -2.98
N ARG A 21 -27.66 8.41 -3.05
CA ARG A 21 -26.29 8.13 -3.47
C ARG A 21 -25.48 8.54 -2.25
N ILE A 22 -24.76 7.58 -1.70
CA ILE A 22 -24.01 7.82 -0.47
C ILE A 22 -22.52 7.50 -0.56
N VAL A 23 -21.71 8.41 -0.03
CA VAL A 23 -20.27 8.22 -0.02
C VAL A 23 -19.85 7.96 1.43
N PHE A 24 -19.15 6.85 1.66
CA PHE A 24 -18.67 6.51 3.00
C PHE A 24 -17.17 6.74 3.13
N ASP A 25 -16.81 7.54 4.13
CA ASP A 25 -15.44 7.90 4.44
C ASP A 25 -15.05 7.10 5.69
N ILE A 26 -14.36 5.98 5.48
CA ILE A 26 -13.94 5.10 6.58
C ILE A 26 -12.51 5.39 7.03
N GLY A 27 -12.38 5.94 8.23
CA GLY A 27 -11.08 6.28 8.78
C GLY A 27 -10.06 5.16 8.83
N GLY A 28 -8.83 5.50 8.44
CA GLY A 28 -7.77 4.51 8.44
C GLY A 28 -7.46 3.91 9.81
N SER A 29 -7.65 4.68 10.88
CA SER A 29 -7.33 4.11 12.19
C SER A 29 -8.44 3.20 12.70
N VAL A 30 -9.59 3.25 12.05
CA VAL A 30 -10.72 2.40 12.42
C VAL A 30 -10.57 1.10 11.64
N LEU A 31 -10.03 1.22 10.43
CA LEU A 31 -9.83 0.09 9.54
C LEU A 31 -8.57 -0.69 9.89
N VAL A 32 -7.54 0.02 10.32
CA VAL A 32 -6.26 -0.56 10.69
C VAL A 32 -5.72 0.11 11.96
N PRO A 33 -6.24 -0.27 13.14
CA PRO A 33 -5.84 0.28 14.45
C PRO A 33 -4.36 0.04 14.70
N GLU A 34 -3.92 -1.17 14.38
N GLU A 34 -3.91 -1.17 14.37
CA GLU A 34 -2.53 -1.59 14.54
CA GLU A 34 -2.52 -1.57 14.50
C GLU A 34 -2.27 -2.44 13.31
C GLU A 34 -2.28 -2.44 13.28
N ASN A 35 -2.97 -3.58 13.26
CA ASN A 35 -2.89 -4.49 12.13
C ASN A 35 -4.31 -4.33 11.58
N PRO A 36 -4.59 -4.89 10.39
CA PRO A 36 -5.97 -4.71 9.90
C PRO A 36 -6.98 -5.31 10.86
N ASP A 37 -8.03 -4.56 11.18
CA ASP A 37 -9.06 -5.05 12.10
C ASP A 37 -10.07 -5.85 11.27
N ILE A 38 -9.77 -7.14 11.10
CA ILE A 38 -10.61 -8.05 10.32
C ILE A 38 -12.09 -8.06 10.71
N ASP A 39 -12.38 -8.01 12.00
CA ASP A 39 -13.76 -8.00 12.44
C ASP A 39 -14.52 -6.76 11.94
N PHE A 40 -13.93 -5.60 12.09
CA PHE A 40 -14.57 -4.38 11.62
C PHE A 40 -14.73 -4.38 10.10
N ILE A 41 -13.71 -4.86 9.39
CA ILE A 41 -13.75 -4.89 7.94
C ILE A 41 -14.91 -5.76 7.47
N LYS A 42 -14.99 -6.96 8.03
CA LYS A 42 -16.04 -7.91 7.71
C LYS A 42 -17.42 -7.31 7.98
N GLU A 43 -17.57 -6.75 9.17
CA GLU A 43 -18.81 -6.13 9.60
C GLU A 43 -19.21 -4.91 8.75
N ILE A 44 -18.28 -3.99 8.56
CA ILE A 44 -18.61 -2.83 7.75
C ILE A 44 -18.89 -3.27 6.31
N ALA A 45 -18.23 -4.33 5.83
CA ALA A 45 -18.50 -4.79 4.47
C ALA A 45 -19.94 -5.30 4.35
N TYR A 46 -20.41 -6.01 5.38
CA TYR A 46 -21.79 -6.52 5.40
C TYR A 46 -22.76 -5.35 5.40
N GLN A 47 -22.49 -4.34 6.23
CA GLN A 47 -23.35 -3.17 6.31
C GLN A 47 -23.42 -2.43 4.97
N LEU A 48 -22.26 -2.21 4.34
CA LEU A 48 -22.20 -1.52 3.05
C LEU A 48 -22.98 -2.31 2.01
N THR A 49 -22.85 -3.62 2.04
CA THR A 49 -23.55 -4.49 1.10
C THR A 49 -25.06 -4.33 1.28
N LYS A 50 -25.52 -4.32 2.53
CA LYS A 50 -26.96 -4.17 2.80
C LYS A 50 -27.42 -2.84 2.23
N VAL A 51 -26.70 -1.78 2.59
CA VAL A 51 -27.04 -0.45 2.12
C VAL A 51 -27.09 -0.37 0.59
N SER A 52 -26.12 -1.00 -0.07
CA SER A 52 -26.06 -0.96 -1.53
C SER A 52 -27.26 -1.62 -2.21
N GLU A 53 -28.05 -2.38 -1.46
N GLU A 53 -28.05 -2.38 -1.46
CA GLU A 53 -29.22 -3.06 -2.01
CA GLU A 53 -29.22 -3.05 -2.04
C GLU A 53 -30.24 -2.01 -2.47
C GLU A 53 -30.24 -2.01 -2.47
N ASP A 54 -30.35 -0.92 -1.71
CA ASP A 54 -31.30 0.14 -2.02
C ASP A 54 -30.66 1.45 -2.48
N HIS A 55 -29.36 1.61 -2.26
CA HIS A 55 -28.71 2.86 -2.64
C HIS A 55 -27.42 2.67 -3.42
N GLU A 56 -26.95 3.74 -4.02
CA GLU A 56 -25.71 3.71 -4.76
C GLU A 56 -24.63 4.08 -3.75
N VAL A 57 -23.69 3.17 -3.55
CA VAL A 57 -22.62 3.33 -2.57
C VAL A 57 -21.22 3.46 -3.16
N ALA A 58 -20.43 4.37 -2.59
CA ALA A 58 -19.04 4.58 -2.99
C ALA A 58 -18.26 4.68 -1.69
N VAL A 59 -17.00 4.26 -1.69
CA VAL A 59 -16.20 4.27 -0.47
C VAL A 59 -14.77 4.79 -0.61
N VAL A 60 -14.31 5.47 0.44
CA VAL A 60 -12.94 5.98 0.52
C VAL A 60 -12.40 5.50 1.87
N VAL A 61 -11.19 4.92 1.89
CA VAL A 61 -10.60 4.46 3.15
C VAL A 61 -9.25 5.15 3.40
N GLY A 62 -8.91 5.31 4.69
CA GLY A 62 -7.66 5.96 5.07
C GLY A 62 -6.50 5.01 5.28
N GLY A 63 -5.37 5.53 5.74
CA GLY A 63 -4.19 4.70 5.96
C GLY A 63 -4.03 4.02 7.31
N GLY A 64 -4.28 4.74 8.40
CA GLY A 64 -4.16 4.14 9.71
C GLY A 64 -2.75 3.94 10.25
N LYS A 65 -2.60 2.99 11.17
CA LYS A 65 -1.31 2.70 11.80
C LYS A 65 -0.21 2.31 10.80
N LEU A 66 -0.55 1.53 9.80
CA LEU A 66 0.45 1.12 8.82
C LEU A 66 1.00 2.34 8.10
N ALA A 67 0.12 3.28 7.77
CA ALA A 67 0.54 4.50 7.07
C ALA A 67 1.52 5.31 7.92
N ARG A 68 1.21 5.45 9.20
CA ARG A 68 2.07 6.19 10.11
C ARG A 68 3.43 5.51 10.28
N LYS A 69 3.45 4.18 10.32
CA LYS A 69 4.71 3.45 10.45
C LYS A 69 5.62 3.72 9.24
N TYR A 70 5.07 3.51 8.05
CA TYR A 70 5.83 3.70 6.82
C TYR A 70 6.20 5.16 6.59
N ILE A 71 5.35 6.07 7.03
CA ILE A 71 5.64 7.48 6.88
C ILE A 71 6.74 7.90 7.88
N GLU A 72 6.74 7.32 9.07
N GLU A 72 6.72 7.29 9.05
CA GLU A 72 7.75 7.67 10.05
CA GLU A 72 7.70 7.59 10.09
C GLU A 72 9.12 7.17 9.59
C GLU A 72 9.09 7.12 9.67
N VAL A 73 9.15 6.00 8.95
CA VAL A 73 10.41 5.47 8.47
C VAL A 73 10.98 6.44 7.44
N ALA A 74 10.10 6.97 6.59
CA ALA A 74 10.51 7.92 5.56
C ALA A 74 11.07 9.19 6.20
N GLU A 75 10.47 9.63 7.29
CA GLU A 75 10.93 10.83 7.97
C GLU A 75 12.34 10.64 8.50
N LYS A 76 12.66 9.42 8.93
CA LYS A 76 13.99 9.13 9.44
C LYS A 76 15.07 9.24 8.37
N PHE A 77 14.64 9.27 7.10
CA PHE A 77 15.59 9.40 5.99
C PHE A 77 15.46 10.77 5.34
N ASN A 78 14.82 11.68 6.08
CA ASN A 78 14.62 13.05 5.65
C ASN A 78 13.96 13.21 4.29
N SER A 79 12.96 12.39 4.01
CA SER A 79 12.25 12.49 2.74
C SER A 79 11.33 13.71 2.83
N SER A 80 10.98 14.28 1.68
CA SER A 80 10.11 15.45 1.67
C SER A 80 8.72 15.05 2.12
N GLU A 81 7.94 16.02 2.57
CA GLU A 81 6.57 15.76 3.02
C GLU A 81 5.70 15.27 1.85
N THR A 82 6.10 15.62 0.62
CA THR A 82 5.34 15.21 -0.55
C THR A 82 5.50 13.71 -0.75
N PHE A 83 6.73 13.21 -0.61
CA PHE A 83 6.98 11.79 -0.78
C PHE A 83 6.33 11.00 0.35
N LYS A 84 6.19 11.64 1.51
CA LYS A 84 5.55 10.99 2.65
C LYS A 84 4.07 10.80 2.34
N ASP A 85 3.44 11.83 1.79
CA ASP A 85 2.03 11.75 1.43
C ASP A 85 1.84 10.62 0.41
N PHE A 86 2.74 10.57 -0.58
CA PHE A 86 2.67 9.55 -1.62
C PHE A 86 2.76 8.15 -1.03
N ILE A 87 3.52 8.02 0.07
CA ILE A 87 3.66 6.72 0.71
C ILE A 87 2.37 6.41 1.44
N GLY A 88 1.74 7.44 2.00
CA GLY A 88 0.49 7.25 2.71
C GLY A 88 -0.59 6.82 1.74
N ILE A 89 -0.61 7.48 0.58
CA ILE A 89 -1.59 7.16 -0.44
C ILE A 89 -1.45 5.68 -0.83
N GLN A 90 -0.21 5.25 -1.04
CA GLN A 90 0.08 3.87 -1.40
C GLN A 90 -0.42 2.89 -0.35
N ILE A 91 -0.34 3.27 0.93
CA ILE A 91 -0.83 2.40 2.00
C ILE A 91 -2.37 2.39 2.05
N THR A 92 -3.00 3.52 1.75
CA THR A 92 -4.46 3.55 1.75
C THR A 92 -5.03 2.63 0.67
N ARG A 93 -4.31 2.50 -0.44
N ARG A 93 -4.31 2.51 -0.44
CA ARG A 93 -4.80 1.65 -1.52
CA ARG A 93 -4.76 1.66 -1.54
C ARG A 93 -4.67 0.16 -1.19
C ARG A 93 -4.70 0.18 -1.15
N ALA A 94 -3.65 -0.20 -0.41
CA ALA A 94 -3.49 -1.59 0.00
C ALA A 94 -4.66 -1.86 0.94
N ASN A 95 -4.98 -0.89 1.79
CA ASN A 95 -6.09 -1.00 2.73
C ASN A 95 -7.40 -1.12 1.96
N ALA A 96 -7.53 -0.34 0.89
CA ALA A 96 -8.74 -0.33 0.08
C ALA A 96 -8.96 -1.71 -0.54
N MET A 97 -7.87 -2.42 -0.81
CA MET A 97 -7.96 -3.75 -1.41
C MET A 97 -8.53 -4.76 -0.43
N LEU A 98 -8.34 -4.51 0.86
CA LEU A 98 -8.87 -5.39 1.89
C LEU A 98 -10.39 -5.24 1.93
N LEU A 99 -10.88 -4.02 1.75
CA LEU A 99 -12.32 -3.77 1.75
C LEU A 99 -12.93 -4.39 0.50
N ILE A 100 -12.30 -4.15 -0.65
CA ILE A 100 -12.75 -4.71 -1.93
C ILE A 100 -12.87 -6.23 -1.81
N ALA A 101 -11.88 -6.84 -1.16
CA ALA A 101 -11.89 -8.28 -0.94
C ALA A 101 -13.11 -8.63 -0.10
N ALA A 102 -13.40 -7.82 0.91
CA ALA A 102 -14.54 -8.04 1.79
C ALA A 102 -15.89 -7.83 1.08
N LEU A 103 -15.96 -6.87 0.18
CA LEU A 103 -17.20 -6.59 -0.54
C LEU A 103 -17.55 -7.65 -1.58
N ARG A 104 -16.60 -8.55 -1.83
CA ARG A 104 -16.77 -9.65 -2.77
C ARG A 104 -17.25 -9.22 -4.16
N GLU A 105 -18.29 -9.88 -4.66
N GLU A 105 -18.28 -9.90 -4.67
CA GLU A 105 -18.81 -9.61 -6.00
CA GLU A 105 -18.82 -9.62 -5.99
C GLU A 105 -19.51 -8.26 -6.15
C GLU A 105 -19.51 -8.26 -6.12
N LYS A 106 -19.76 -7.58 -5.04
N LYS A 106 -19.76 -7.60 -4.99
CA LYS A 106 -20.42 -6.28 -5.08
CA LYS A 106 -20.42 -6.30 -5.02
C LYS A 106 -19.42 -5.14 -5.31
C LYS A 106 -19.43 -5.15 -5.21
N ALA A 107 -18.15 -5.44 -5.13
CA ALA A 107 -17.12 -4.42 -5.30
C ALA A 107 -16.59 -4.25 -6.71
N TYR A 108 -16.19 -3.01 -7.02
CA TYR A 108 -15.55 -2.72 -8.30
C TYR A 108 -14.18 -3.33 -7.97
N PRO A 109 -13.68 -4.24 -8.82
CA PRO A 109 -12.42 -4.98 -8.68
C PRO A 109 -11.12 -4.23 -8.45
N VAL A 110 -11.06 -2.96 -8.76
CA VAL A 110 -9.79 -2.28 -8.61
C VAL A 110 -9.89 -0.99 -7.82
N VAL A 111 -8.82 -0.69 -7.09
CA VAL A 111 -8.78 0.53 -6.31
C VAL A 111 -8.97 1.67 -7.29
N VAL A 112 -10.00 2.47 -7.04
CA VAL A 112 -10.34 3.60 -7.89
C VAL A 112 -9.41 4.75 -7.55
N GLU A 113 -8.80 5.34 -8.59
CA GLU A 113 -7.85 6.45 -8.41
C GLU A 113 -8.33 7.84 -8.76
N ASP A 114 -9.45 7.94 -9.46
CA ASP A 114 -10.01 9.24 -9.78
C ASP A 114 -11.54 9.20 -9.79
N PHE A 115 -12.14 10.37 -9.59
CA PHE A 115 -13.59 10.47 -9.49
C PHE A 115 -14.48 9.94 -10.62
N TRP A 116 -14.10 10.19 -11.87
N TRP A 116 -14.08 10.16 -11.87
CA TRP A 116 -14.92 9.72 -12.98
CA TRP A 116 -14.90 9.66 -12.96
C TRP A 116 -14.92 8.19 -13.08
C TRP A 116 -14.90 8.13 -13.00
N GLU A 117 -13.87 7.57 -12.55
N GLU A 117 -13.80 7.53 -12.55
CA GLU A 117 -13.78 6.11 -12.56
CA GLU A 117 -13.70 6.07 -12.51
C GLU A 117 -14.78 5.60 -11.52
C GLU A 117 -14.67 5.54 -11.45
N ALA A 118 -14.93 6.35 -10.43
CA ALA A 118 -15.86 5.97 -9.36
C ALA A 118 -17.28 6.08 -9.95
N TRP A 119 -17.50 7.12 -10.74
CA TRP A 119 -18.79 7.35 -11.38
C TRP A 119 -19.10 6.11 -12.21
N LYS A 120 -18.10 5.66 -12.96
CA LYS A 120 -18.21 4.49 -13.82
C LYS A 120 -18.62 3.24 -13.03
N ALA A 121 -17.94 2.98 -11.91
CA ALA A 121 -18.27 1.83 -11.08
C ALA A 121 -19.75 1.88 -10.69
N VAL A 122 -20.22 3.08 -10.31
CA VAL A 122 -21.60 3.25 -9.91
C VAL A 122 -22.57 2.94 -11.06
N GLN A 123 -22.18 3.29 -12.28
CA GLN A 123 -23.01 3.00 -13.45
C GLN A 123 -23.14 1.48 -13.60
N LEU A 124 -22.07 0.76 -13.26
CA LEU A 124 -22.05 -0.70 -13.37
C LEU A 124 -22.64 -1.40 -12.13
N LYS A 125 -23.32 -0.64 -11.28
CA LYS A 125 -23.94 -1.21 -10.07
C LYS A 125 -22.92 -1.91 -9.18
N LYS A 126 -21.73 -1.32 -9.08
CA LYS A 126 -20.68 -1.88 -8.26
C LYS A 126 -20.19 -0.82 -7.30
N ILE A 127 -19.57 -1.26 -6.20
CA ILE A 127 -19.07 -0.33 -5.20
C ILE A 127 -17.60 0.04 -5.40
N PRO A 128 -17.35 1.30 -5.79
CA PRO A 128 -15.95 1.69 -5.98
C PRO A 128 -15.36 1.99 -4.60
N VAL A 129 -14.10 1.60 -4.41
CA VAL A 129 -13.40 1.85 -3.16
C VAL A 129 -12.12 2.61 -3.51
N MET A 130 -11.98 3.80 -2.94
CA MET A 130 -10.82 4.64 -3.20
C MET A 130 -9.88 4.73 -2.01
N GLY A 131 -8.61 5.00 -2.33
CA GLY A 131 -7.59 5.21 -1.32
C GLY A 131 -7.35 6.70 -1.49
N GLY A 132 -6.13 7.18 -1.28
CA GLY A 132 -5.87 8.60 -1.47
C GLY A 132 -5.75 8.96 -2.94
N THR A 133 -5.48 10.23 -3.26
CA THR A 133 -5.33 10.63 -4.65
C THR A 133 -4.20 11.61 -4.91
N HIS A 134 -4.04 12.61 -4.06
CA HIS A 134 -3.04 13.65 -4.26
C HIS A 134 -2.39 14.12 -2.96
N PRO A 135 -1.08 14.44 -3.01
CA PRO A 135 -0.38 14.91 -1.80
C PRO A 135 -1.09 16.14 -1.23
N GLY A 136 -0.90 16.40 0.06
CA GLY A 136 -1.55 17.57 0.64
C GLY A 136 -2.95 17.36 1.20
N HIS A 137 -3.66 16.37 0.66
N HIS A 137 -3.70 16.41 0.65
CA HIS A 137 -5.02 16.05 1.11
CA HIS A 137 -5.03 16.17 1.18
C HIS A 137 -4.99 14.85 2.03
C HIS A 137 -5.12 14.79 1.83
N THR A 138 -6.13 14.63 2.67
CA THR A 138 -6.34 13.45 3.47
C THR A 138 -7.48 12.72 2.77
N THR A 139 -7.76 11.49 3.20
CA THR A 139 -8.84 10.74 2.60
C THR A 139 -10.17 11.46 2.88
N ASP A 140 -10.22 12.23 3.96
CA ASP A 140 -11.44 12.97 4.27
C ASP A 140 -11.73 13.95 3.14
N ALA A 141 -10.69 14.62 2.65
CA ALA A 141 -10.86 15.57 1.55
C ALA A 141 -11.28 14.81 0.29
N VAL A 142 -10.68 13.65 0.08
CA VAL A 142 -11.00 12.81 -1.08
C VAL A 142 -12.49 12.46 -1.05
N ALA A 143 -12.98 12.05 0.12
CA ALA A 143 -14.38 11.66 0.30
C ALA A 143 -15.33 12.81 0.01
N ALA A 144 -14.94 14.01 0.44
CA ALA A 144 -15.78 15.18 0.22
C ALA A 144 -15.84 15.52 -1.27
N LEU A 145 -14.68 15.54 -1.93
CA LEU A 145 -14.62 15.83 -3.35
C LEU A 145 -15.39 14.78 -4.14
N LEU A 146 -15.26 13.52 -3.73
CA LEU A 146 -15.97 12.42 -4.38
C LEU A 146 -17.48 12.65 -4.28
N ALA A 147 -17.94 12.98 -3.06
CA ALA A 147 -19.35 13.22 -2.80
C ALA A 147 -19.85 14.39 -3.63
N GLU A 148 -19.03 15.43 -3.71
CA GLU A 148 -19.35 16.63 -4.48
C GLU A 148 -19.47 16.29 -5.96
N PHE A 149 -18.49 15.53 -6.46
CA PHE A 149 -18.46 15.10 -7.86
C PHE A 149 -19.65 14.24 -8.24
N LEU A 150 -20.03 13.31 -7.37
CA LEU A 150 -21.15 12.40 -7.65
C LEU A 150 -22.49 13.04 -7.25
N LYS A 151 -22.43 14.25 -6.70
CA LYS A 151 -23.64 14.93 -6.26
C LYS A 151 -24.37 13.99 -5.30
N ALA A 152 -23.60 13.37 -4.40
CA ALA A 152 -24.16 12.44 -3.43
C ALA A 152 -25.15 13.14 -2.53
N ASP A 153 -26.09 12.38 -1.99
CA ASP A 153 -27.06 12.97 -1.08
C ASP A 153 -26.45 13.03 0.31
N LEU A 154 -25.48 12.16 0.56
CA LEU A 154 -24.94 12.06 1.89
C LEU A 154 -23.48 11.60 1.98
N LEU A 155 -22.76 12.20 2.93
CA LEU A 155 -21.37 11.86 3.21
C LEU A 155 -21.36 11.34 4.66
N VAL A 156 -21.00 10.07 4.83
CA VAL A 156 -20.93 9.48 6.15
C VAL A 156 -19.47 9.25 6.53
N VAL A 157 -19.01 9.95 7.55
CA VAL A 157 -17.65 9.81 8.05
C VAL A 157 -17.66 8.89 9.28
N ILE A 158 -17.00 7.74 9.15
CA ILE A 158 -16.91 6.76 10.24
C ILE A 158 -15.48 6.89 10.74
N THR A 159 -15.30 7.45 11.94
N THR A 159 -15.33 7.45 11.95
CA THR A 159 -13.97 7.65 12.48
CA THR A 159 -14.01 7.63 12.55
C THR A 159 -13.76 7.12 13.91
C THR A 159 -13.92 6.99 13.93
N ASN A 160 -12.68 7.56 14.52
N ASN A 160 -12.86 7.33 14.65
CA ASN A 160 -12.29 7.13 15.87
CA ASN A 160 -12.62 6.80 16.00
C ASN A 160 -12.97 7.87 17.03
C ASN A 160 -13.39 7.55 17.06
N VAL A 161 -13.96 8.70 16.71
CA VAL A 161 -14.72 9.47 17.68
C VAL A 161 -16.23 9.36 17.46
N ASP A 162 -16.96 9.56 18.55
N ASP A 162 -16.99 9.52 18.54
CA ASP A 162 -18.42 9.51 18.64
CA ASP A 162 -18.45 9.41 18.49
C ASP A 162 -19.13 10.49 17.71
C ASP A 162 -19.12 10.46 17.60
N GLY A 163 -18.44 11.59 17.41
CA GLY A 163 -18.99 12.63 16.57
C GLY A 163 -18.11 13.86 16.68
N VAL A 164 -18.71 15.04 16.51
CA VAL A 164 -17.93 16.28 16.61
C VAL A 164 -18.12 16.90 17.99
N TYR A 165 -17.00 17.16 18.66
CA TYR A 165 -17.03 17.76 20.00
C TYR A 165 -16.41 19.14 20.01
N THR A 166 -16.68 19.88 21.09
CA THR A 166 -16.16 21.23 21.29
C THR A 166 -14.64 21.20 21.47
N ALA A 167 -14.11 20.00 21.72
CA ALA A 167 -12.68 19.80 21.91
C ALA A 167 -12.38 18.31 21.83
N ASP A 168 -11.09 17.96 21.76
CA ASP A 168 -10.70 16.56 21.68
C ASP A 168 -11.20 15.75 22.88
N PRO A 169 -12.20 14.88 22.66
CA PRO A 169 -12.87 13.99 23.62
C PRO A 169 -11.95 12.95 24.25
N LYS A 170 -10.84 12.68 23.60
CA LYS A 170 -9.89 11.70 24.11
C LYS A 170 -8.95 12.37 25.09
N LYS A 171 -8.97 13.71 25.12
CA LYS A 171 -8.10 14.48 26.00
C LYS A 171 -8.83 15.47 26.92
N ASP A 172 -9.37 16.53 26.33
CA ASP A 172 -10.08 17.56 27.08
C ASP A 172 -11.37 17.06 27.75
N PRO A 173 -11.45 17.17 29.08
CA PRO A 173 -12.60 16.74 29.89
C PRO A 173 -13.88 17.54 29.67
N THR A 174 -13.74 18.76 29.17
CA THR A 174 -14.90 19.62 28.94
C THR A 174 -15.48 19.45 27.54
N ALA A 175 -14.86 18.61 26.73
CA ALA A 175 -15.33 18.35 25.38
C ALA A 175 -16.79 17.90 25.40
N LYS A 176 -17.65 18.64 24.69
CA LYS A 176 -19.06 18.32 24.62
C LYS A 176 -19.43 18.08 23.16
N LYS A 177 -20.28 17.08 22.92
CA LYS A 177 -20.69 16.76 21.56
C LYS A 177 -21.76 17.70 21.01
N ILE A 178 -21.55 18.16 19.78
CA ILE A 178 -22.49 19.05 19.12
C ILE A 178 -23.29 18.20 18.14
N LYS A 179 -24.53 17.88 18.51
CA LYS A 179 -25.41 17.05 17.68
C LYS A 179 -25.66 17.57 16.27
N LYS A 180 -25.83 18.88 16.13
CA LYS A 180 -26.09 19.47 14.82
C LYS A 180 -25.38 20.80 14.63
N MET A 181 -24.97 21.07 13.40
CA MET A 181 -24.28 22.31 13.09
C MET A 181 -24.26 22.57 11.58
N LYS A 182 -23.86 23.78 11.21
CA LYS A 182 -23.79 24.16 9.81
C LYS A 182 -22.33 24.15 9.40
N PRO A 183 -22.05 24.04 8.09
CA PRO A 183 -20.66 24.01 7.62
C PRO A 183 -19.78 25.08 8.27
N GLU A 184 -20.32 26.29 8.38
CA GLU A 184 -19.58 27.40 8.96
C GLU A 184 -19.04 27.06 10.35
N GLU A 185 -19.88 26.44 11.17
CA GLU A 185 -19.47 26.08 12.52
C GLU A 185 -18.37 25.02 12.48
N LEU A 186 -18.53 24.03 11.61
CA LEU A 186 -17.53 22.99 11.47
C LEU A 186 -16.20 23.63 11.11
N LEU A 187 -16.25 24.65 10.25
CA LEU A 187 -15.03 25.35 9.84
C LEU A 187 -14.36 25.98 11.05
N GLU A 188 -15.16 26.61 11.92
CA GLU A 188 -14.63 27.26 13.11
C GLU A 188 -13.96 26.22 14.01
N ILE A 189 -14.70 25.19 14.37
CA ILE A 189 -14.19 24.12 15.23
C ILE A 189 -12.94 23.44 14.66
N VAL A 190 -12.91 23.28 13.34
CA VAL A 190 -11.78 22.63 12.68
C VAL A 190 -10.55 23.52 12.65
N GLY A 191 -10.73 24.77 12.26
CA GLY A 191 -9.62 25.71 12.19
C GLY A 191 -8.94 25.87 13.53
N LYS A 192 -9.74 25.93 14.60
CA LYS A 192 -9.21 26.09 15.96
C LYS A 192 -8.08 25.10 16.22
N SER A 201 -8.33 17.45 15.17
CA SER A 201 -9.40 17.81 14.25
C SER A 201 -10.08 16.56 13.68
N VAL A 202 -11.36 16.39 13.98
CA VAL A 202 -12.12 15.24 13.49
C VAL A 202 -11.95 15.18 11.98
N ILE A 203 -12.22 16.33 11.35
CA ILE A 203 -12.10 16.49 9.90
C ILE A 203 -11.12 17.63 9.63
N ASP A 204 -10.26 17.47 8.62
CA ASP A 204 -9.30 18.51 8.31
C ASP A 204 -9.89 19.66 7.49
N PRO A 205 -9.22 20.82 7.50
CA PRO A 205 -9.57 22.07 6.80
C PRO A 205 -10.07 21.93 5.36
N LEU A 206 -9.25 21.34 4.50
CA LEU A 206 -9.63 21.17 3.11
C LEU A 206 -10.95 20.42 2.97
N ALA A 207 -11.09 19.29 3.68
CA ALA A 207 -12.32 18.51 3.64
C ALA A 207 -13.46 19.38 4.14
N ALA A 208 -13.19 20.17 5.17
CA ALA A 208 -14.19 21.06 5.75
C ALA A 208 -14.58 22.16 4.76
N LYS A 209 -13.61 22.70 4.04
CA LYS A 209 -13.89 23.74 3.05
C LYS A 209 -14.74 23.22 1.89
N ILE A 210 -14.51 21.96 1.52
CA ILE A 210 -15.25 21.35 0.43
C ILE A 210 -16.69 21.11 0.85
N ILE A 211 -16.88 20.69 2.09
CA ILE A 211 -18.20 20.44 2.63
C ILE A 211 -18.97 21.76 2.70
N ALA A 212 -18.25 22.83 3.01
CA ALA A 212 -18.86 24.16 3.12
C ALA A 212 -19.18 24.78 1.77
N ARG A 213 -18.28 24.63 0.79
CA ARG A 213 -18.49 25.21 -0.54
C ARG A 213 -19.68 24.60 -1.29
N SER A 214 -19.95 23.32 -1.04
N SER A 214 -19.96 23.32 -1.04
CA SER A 214 -21.04 22.62 -1.72
CA SER A 214 -21.06 22.66 -1.73
C SER A 214 -22.27 22.39 -0.85
C SER A 214 -22.28 22.41 -0.85
N GLY A 215 -22.10 22.47 0.46
CA GLY A 215 -23.22 22.23 1.37
C GLY A 215 -23.58 20.76 1.47
N ILE A 216 -22.57 19.89 1.40
CA ILE A 216 -22.76 18.44 1.47
C ILE A 216 -23.25 17.98 2.85
N LYS A 217 -24.41 17.33 2.88
CA LYS A 217 -24.93 16.81 4.14
C LYS A 217 -23.98 15.72 4.66
N THR A 218 -23.33 16.02 5.77
CA THR A 218 -22.36 15.11 6.34
C THR A 218 -22.72 14.59 7.72
N ILE A 219 -22.49 13.29 7.91
CA ILE A 219 -22.75 12.63 9.19
C ILE A 219 -21.43 12.07 9.73
N VAL A 220 -21.13 12.38 10.98
CA VAL A 220 -19.90 11.92 11.60
C VAL A 220 -20.23 10.99 12.75
N ILE A 221 -19.90 9.71 12.58
CA ILE A 221 -20.16 8.68 13.60
C ILE A 221 -18.94 7.83 13.94
N GLY A 222 -19.03 7.12 15.07
CA GLY A 222 -17.96 6.22 15.50
C GLY A 222 -18.29 4.82 15.00
N LYS A 223 -17.50 3.81 15.35
CA LYS A 223 -17.84 2.50 14.84
C LYS A 223 -19.01 1.82 15.52
N GLU A 224 -19.43 2.31 16.67
CA GLU A 224 -20.58 1.74 17.36
C GLU A 224 -21.83 1.96 16.51
N ASP A 225 -22.04 3.22 16.09
CA ASP A 225 -23.17 3.53 15.23
C ASP A 225 -22.99 2.89 13.85
N ALA A 226 -21.75 2.65 13.47
CA ALA A 226 -21.44 2.03 12.18
C ALA A 226 -21.97 0.59 12.10
N LYS A 227 -22.29 0.00 13.25
CA LYS A 227 -22.81 -1.36 13.26
C LYS A 227 -24.14 -1.49 12.50
N ASP A 228 -24.89 -0.39 12.39
CA ASP A 228 -26.17 -0.41 11.66
C ASP A 228 -26.31 0.80 10.73
N LEU A 229 -25.82 0.70 9.50
CA LEU A 229 -25.87 1.84 8.57
C LEU A 229 -27.28 2.22 8.10
N PHE A 230 -28.21 1.27 8.06
N PHE A 230 -28.18 1.25 8.12
CA PHE A 230 -29.55 1.64 7.62
CA PHE A 230 -29.58 1.45 7.72
C PHE A 230 -30.19 2.63 8.61
C PHE A 230 -30.22 2.52 8.61
N ARG A 231 -29.89 2.48 9.90
CA ARG A 231 -30.43 3.43 10.86
C ARG A 231 -29.68 4.74 10.78
N VAL A 232 -28.36 4.65 10.60
CA VAL A 232 -27.55 5.86 10.49
C VAL A 232 -28.07 6.73 9.34
N ILE A 233 -28.31 6.08 8.21
N ILE A 233 -28.31 6.08 8.21
CA ILE A 233 -28.80 6.76 7.01
CA ILE A 233 -28.80 6.76 7.01
C ILE A 233 -30.13 7.50 7.25
C ILE A 233 -30.12 7.50 7.25
N LYS A 234 -30.96 6.95 8.12
CA LYS A 234 -32.25 7.55 8.44
C LYS A 234 -32.13 8.70 9.43
N GLY A 235 -30.93 8.93 9.95
CA GLY A 235 -30.76 10.01 10.92
C GLY A 235 -30.81 9.50 12.34
N ASP A 236 -30.93 8.17 12.50
CA ASP A 236 -30.98 7.53 13.80
C ASP A 236 -29.58 7.11 14.27
N HIS A 237 -28.88 8.06 14.88
CA HIS A 237 -27.52 7.81 15.38
C HIS A 237 -27.20 8.82 16.47
N ASN A 238 -26.08 8.60 17.15
CA ASN A 238 -25.67 9.50 18.22
C ASN A 238 -24.45 10.30 17.77
N GLY A 239 -24.31 10.47 16.46
CA GLY A 239 -23.19 11.24 15.95
C GLY A 239 -23.57 12.67 15.66
N THR A 240 -22.77 13.33 14.83
CA THR A 240 -22.99 14.73 14.47
C THR A 240 -23.47 14.84 13.02
N THR A 241 -24.42 15.73 12.77
CA THR A 241 -24.94 15.94 11.43
C THR A 241 -24.60 17.37 11.01
N ILE A 242 -23.84 17.51 9.93
CA ILE A 242 -23.49 18.83 9.43
C ILE A 242 -24.21 19.09 8.10
N GLU A 243 -24.95 20.18 8.03
CA GLU A 243 -25.65 20.57 6.80
C GLU A 243 -26.03 22.05 6.82
N PRO A 244 -26.18 22.66 5.63
CA PRO A 244 -26.55 24.07 5.53
C PRO A 244 -27.92 24.32 6.14
N HIS B 19 33.13 -1.31 -15.73
CA HIS B 19 32.20 -1.48 -14.58
C HIS B 19 31.13 -2.52 -14.89
N MET B 20 30.26 -2.78 -13.92
CA MET B 20 29.20 -3.75 -14.09
C MET B 20 27.81 -3.15 -13.95
N ARG B 21 26.83 -3.86 -14.50
CA ARG B 21 25.44 -3.46 -14.37
C ARG B 21 24.94 -4.57 -13.44
N ILE B 22 24.48 -4.19 -12.25
CA ILE B 22 24.01 -5.17 -11.29
C ILE B 22 22.57 -4.99 -10.84
N VAL B 23 21.88 -6.11 -10.71
CA VAL B 23 20.50 -6.10 -10.24
C VAL B 23 20.48 -6.78 -8.88
N PHE B 24 20.02 -6.04 -7.88
CA PHE B 24 19.93 -6.56 -6.53
C PHE B 24 18.48 -6.93 -6.19
N ASP B 25 18.29 -8.16 -5.76
CA ASP B 25 16.97 -8.66 -5.37
C ASP B 25 16.97 -8.82 -3.86
N ILE B 26 16.36 -7.86 -3.18
CA ILE B 26 16.31 -7.88 -1.72
C ILE B 26 15.00 -8.51 -1.22
N GLY B 27 15.12 -9.65 -0.55
CA GLY B 27 13.95 -10.35 -0.04
C GLY B 27 13.07 -9.51 0.89
N GLY B 28 11.77 -9.75 0.83
CA GLY B 28 10.84 -9.00 1.67
C GLY B 28 11.03 -9.24 3.15
N SER B 29 11.22 -10.50 3.54
CA SER B 29 11.42 -10.85 4.94
C SER B 29 12.66 -10.16 5.51
N VAL B 30 13.66 -9.92 4.65
CA VAL B 30 14.91 -9.27 5.07
C VAL B 30 14.72 -7.77 5.32
N LEU B 31 13.97 -7.13 4.43
CA LEU B 31 13.72 -5.69 4.55
C LEU B 31 12.60 -5.43 5.57
N VAL B 32 11.68 -6.39 5.69
CA VAL B 32 10.57 -6.29 6.62
C VAL B 32 10.36 -7.63 7.35
N PRO B 33 11.16 -7.90 8.39
CA PRO B 33 11.06 -9.14 9.16
C PRO B 33 9.75 -9.21 9.93
N GLU B 34 9.39 -8.08 10.53
CA GLU B 34 8.17 -7.94 11.32
C GLU B 34 7.65 -6.58 10.88
N ASN B 35 8.46 -5.58 11.16
CA ASN B 35 8.18 -4.21 10.77
C ASN B 35 9.38 -3.87 9.90
N PRO B 36 9.48 -2.64 9.40
CA PRO B 36 10.65 -2.36 8.58
C PRO B 36 11.91 -2.30 9.44
N ASP B 37 12.93 -3.08 9.06
CA ASP B 37 14.21 -3.11 9.78
C ASP B 37 14.95 -1.85 9.38
N ILE B 38 14.78 -0.77 10.15
CA ILE B 38 15.41 0.51 9.84
C ILE B 38 16.94 0.50 9.73
N ASP B 39 17.62 -0.22 10.62
CA ASP B 39 19.07 -0.27 10.56
C ASP B 39 19.53 -0.86 9.23
N PHE B 40 18.94 -2.00 8.87
CA PHE B 40 19.28 -2.68 7.63
C PHE B 40 18.99 -1.85 6.39
N ILE B 41 17.90 -1.09 6.42
CA ILE B 41 17.51 -0.24 5.29
C ILE B 41 18.57 0.86 5.13
N LYS B 42 18.95 1.45 6.26
CA LYS B 42 19.95 2.51 6.29
C LYS B 42 21.24 1.99 5.64
N GLU B 43 21.68 0.81 6.08
CA GLU B 43 22.90 0.19 5.59
C GLU B 43 22.87 -0.25 4.12
N ILE B 44 21.86 -1.02 3.75
CA ILE B 44 21.74 -1.50 2.39
C ILE B 44 21.64 -0.32 1.42
N ALA B 45 20.99 0.76 1.86
CA ALA B 45 20.82 1.94 1.03
C ALA B 45 22.16 2.63 0.80
N TYR B 46 22.93 2.76 1.86
CA TYR B 46 24.25 3.38 1.80
C TYR B 46 25.16 2.56 0.89
N GLN B 47 25.18 1.25 1.12
CA GLN B 47 26.02 0.36 0.32
C GLN B 47 25.66 0.40 -1.16
N LEU B 48 24.36 0.38 -1.43
CA LEU B 48 23.89 0.44 -2.81
C LEU B 48 24.39 1.72 -3.45
N THR B 49 24.38 2.81 -2.67
CA THR B 49 24.86 4.10 -3.16
C THR B 49 26.34 4.00 -3.54
N LYS B 50 27.16 3.45 -2.64
CA LYS B 50 28.58 3.31 -2.90
C LYS B 50 28.82 2.46 -4.14
N VAL B 51 28.16 1.30 -4.20
CA VAL B 51 28.30 0.42 -5.35
C VAL B 51 27.93 1.12 -6.66
N SER B 52 26.96 2.03 -6.60
CA SER B 52 26.52 2.75 -7.78
C SER B 52 27.52 3.83 -8.19
N GLU B 53 28.52 4.08 -7.35
CA GLU B 53 29.53 5.07 -7.68
C GLU B 53 30.39 4.48 -8.79
N ASP B 54 30.57 3.16 -8.76
CA ASP B 54 31.37 2.47 -9.77
C ASP B 54 30.59 1.63 -10.78
N HIS B 55 29.40 1.19 -10.39
CA HIS B 55 28.59 0.35 -11.27
C HIS B 55 27.18 0.87 -11.48
N GLU B 56 26.49 0.32 -12.47
CA GLU B 56 25.11 0.70 -12.73
C GLU B 56 24.28 -0.24 -11.85
N VAL B 57 23.49 0.33 -10.95
CA VAL B 57 22.69 -0.45 -10.03
C VAL B 57 21.18 -0.36 -10.23
N ALA B 58 20.49 -1.48 -10.01
CA ALA B 58 19.05 -1.58 -10.15
C ALA B 58 18.55 -2.49 -9.02
N VAL B 59 17.41 -2.13 -8.42
CA VAL B 59 16.88 -2.89 -7.29
C VAL B 59 15.41 -3.34 -7.40
N VAL B 60 15.14 -4.53 -6.84
CA VAL B 60 13.80 -5.09 -6.80
C VAL B 60 13.60 -5.50 -5.34
N VAL B 61 12.49 -5.07 -4.73
CA VAL B 61 12.23 -5.38 -3.33
C VAL B 61 11.03 -6.31 -3.12
N GLY B 62 11.09 -7.16 -2.10
CA GLY B 62 10.01 -8.09 -1.83
C GLY B 62 8.94 -7.57 -0.88
N GLY B 63 7.98 -8.45 -0.55
CA GLY B 63 6.89 -8.08 0.34
C GLY B 63 7.09 -8.37 1.83
N GLY B 64 7.62 -9.53 2.14
CA GLY B 64 7.86 -9.88 3.54
C GLY B 64 6.63 -10.15 4.39
N LYS B 65 6.80 -9.95 5.69
CA LYS B 65 5.75 -10.18 6.68
C LYS B 65 4.47 -9.39 6.39
N LEU B 66 4.61 -8.10 6.15
CA LEU B 66 3.47 -7.25 5.89
C LEU B 66 2.59 -7.78 4.76
N ALA B 67 3.22 -8.19 3.67
CA ALA B 67 2.49 -8.72 2.51
C ALA B 67 1.70 -9.96 2.93
N ARG B 68 2.33 -10.84 3.71
CA ARG B 68 1.65 -12.06 4.14
C ARG B 68 0.45 -11.74 5.04
N LYS B 69 0.54 -10.66 5.82
CA LYS B 69 -0.57 -10.29 6.69
C LYS B 69 -1.76 -9.83 5.85
N TYR B 70 -1.52 -8.95 4.89
CA TYR B 70 -2.59 -8.45 4.04
C TYR B 70 -3.14 -9.53 3.12
N ILE B 71 -2.27 -10.42 2.67
CA ILE B 71 -2.71 -11.51 1.83
C ILE B 71 -3.62 -12.42 2.66
N GLU B 72 -3.21 -12.70 3.89
CA GLU B 72 -3.99 -13.55 4.77
C GLU B 72 -5.38 -12.96 5.02
N VAL B 73 -5.47 -11.64 5.16
CA VAL B 73 -6.76 -11.00 5.36
C VAL B 73 -7.66 -11.25 4.15
N ALA B 74 -7.12 -11.11 2.94
CA ALA B 74 -7.91 -11.34 1.73
C ALA B 74 -8.35 -12.82 1.66
N GLU B 75 -7.50 -13.72 2.13
CA GLU B 75 -7.80 -15.15 2.11
C GLU B 75 -9.01 -15.45 2.98
N LYS B 76 -9.14 -14.73 4.09
CA LYS B 76 -10.28 -14.93 4.98
C LYS B 76 -11.59 -14.52 4.30
N PHE B 77 -11.49 -13.65 3.29
CA PHE B 77 -12.68 -13.24 2.56
C PHE B 77 -12.77 -14.04 1.27
N ASN B 78 -11.97 -15.09 1.21
CA ASN B 78 -11.94 -16.00 0.07
C ASN B 78 -11.70 -15.32 -1.27
N SER B 79 -10.90 -14.28 -1.29
CA SER B 79 -10.64 -13.61 -2.55
C SER B 79 -9.86 -14.58 -3.43
N SER B 80 -9.85 -14.31 -4.73
CA SER B 80 -9.14 -15.17 -5.66
C SER B 80 -7.63 -15.08 -5.39
N GLU B 81 -6.91 -16.07 -5.90
CA GLU B 81 -5.48 -16.14 -5.75
C GLU B 81 -4.82 -15.00 -6.53
N THR B 82 -5.45 -14.59 -7.61
CA THR B 82 -4.93 -13.51 -8.46
C THR B 82 -4.99 -12.16 -7.74
N PHE B 83 -6.10 -11.90 -7.06
CA PHE B 83 -6.28 -10.65 -6.33
C PHE B 83 -5.31 -10.61 -5.16
N LYS B 84 -5.05 -11.77 -4.56
CA LYS B 84 -4.10 -11.86 -3.44
C LYS B 84 -2.72 -11.42 -3.93
N ASP B 85 -2.35 -11.86 -5.13
CA ASP B 85 -1.07 -11.50 -5.71
C ASP B 85 -1.03 -9.99 -5.89
N PHE B 86 -2.14 -9.42 -6.33
CA PHE B 86 -2.22 -7.98 -6.55
C PHE B 86 -2.04 -7.23 -5.24
N ILE B 87 -2.49 -7.84 -4.15
CA ILE B 87 -2.32 -7.20 -2.84
C ILE B 87 -0.85 -7.32 -2.45
N GLY B 88 -0.29 -8.50 -2.64
CA GLY B 88 1.11 -8.71 -2.32
C GLY B 88 1.97 -7.75 -3.11
N ILE B 89 1.55 -7.49 -4.34
CA ILE B 89 2.28 -6.57 -5.20
C ILE B 89 2.23 -5.15 -4.69
N GLN B 90 1.05 -4.68 -4.30
N GLN B 90 1.04 -4.73 -4.27
CA GLN B 90 0.94 -3.31 -3.80
CA GLN B 90 0.81 -3.39 -3.75
C GLN B 90 1.81 -3.10 -2.56
C GLN B 90 1.73 -3.11 -2.56
N ILE B 91 1.89 -4.12 -1.70
CA ILE B 91 2.73 -4.00 -0.51
C ILE B 91 4.21 -3.88 -0.88
N THR B 92 4.68 -4.72 -1.82
CA THR B 92 6.08 -4.65 -2.24
C THR B 92 6.43 -3.26 -2.74
N ARG B 93 5.49 -2.59 -3.40
CA ARG B 93 5.75 -1.23 -3.91
C ARG B 93 5.81 -0.26 -2.73
N ALA B 94 5.11 -0.60 -1.67
CA ALA B 94 5.11 0.21 -0.46
C ALA B 94 6.52 0.09 0.12
N ASN B 95 7.01 -1.15 0.20
CA ASN B 95 8.36 -1.37 0.74
C ASN B 95 9.42 -0.65 -0.12
N ALA B 96 9.29 -0.76 -1.45
CA ALA B 96 10.25 -0.14 -2.35
C ALA B 96 10.37 1.36 -2.11
N MET B 97 9.28 1.97 -1.67
CA MET B 97 9.28 3.41 -1.43
C MET B 97 10.13 3.74 -0.22
N LEU B 98 10.25 2.80 0.70
CA LEU B 98 11.08 3.02 1.88
C LEU B 98 12.54 3.04 1.45
N LEU B 99 12.92 2.20 0.48
CA LEU B 99 14.30 2.16 0.01
C LEU B 99 14.59 3.41 -0.82
N ILE B 100 13.66 3.76 -1.70
CA ILE B 100 13.80 4.96 -2.53
C ILE B 100 14.03 6.17 -1.62
N ALA B 101 13.34 6.18 -0.49
CA ALA B 101 13.47 7.26 0.48
C ALA B 101 14.88 7.20 1.05
N ALA B 102 15.29 6.01 1.46
CA ALA B 102 16.61 5.78 2.03
C ALA B 102 17.75 6.05 1.05
N LEU B 103 17.46 5.99 -0.25
CA LEU B 103 18.48 6.22 -1.27
C LEU B 103 18.64 7.69 -1.62
N ARG B 104 17.75 8.52 -1.10
CA ARG B 104 17.80 9.96 -1.31
C ARG B 104 17.89 10.39 -2.78
N GLU B 105 18.72 11.39 -3.05
CA GLU B 105 18.88 11.92 -4.40
C GLU B 105 19.49 10.96 -5.42
N LYS B 106 19.84 9.75 -5.01
CA LYS B 106 20.43 8.80 -5.94
C LYS B 106 19.40 7.87 -6.57
N ALA B 107 18.22 7.79 -5.97
CA ALA B 107 17.19 6.91 -6.49
C ALA B 107 16.25 7.56 -7.50
N TYR B 108 15.60 6.72 -8.29
CA TYR B 108 14.60 7.17 -9.24
C TYR B 108 13.42 7.44 -8.30
N PRO B 109 12.79 8.62 -8.39
CA PRO B 109 11.66 9.06 -7.57
C PRO B 109 10.45 8.13 -7.44
N VAL B 110 10.08 7.43 -8.51
CA VAL B 110 8.93 6.55 -8.44
C VAL B 110 9.30 5.08 -8.47
N VAL B 111 8.42 4.26 -7.92
CA VAL B 111 8.62 2.83 -7.91
C VAL B 111 8.44 2.40 -9.36
N VAL B 112 9.50 1.85 -9.95
CA VAL B 112 9.46 1.39 -11.33
C VAL B 112 8.53 0.19 -11.43
N GLU B 113 7.63 0.24 -12.41
CA GLU B 113 6.65 -0.82 -12.59
C GLU B 113 6.91 -1.73 -13.78
N ASP B 114 7.79 -1.31 -14.69
CA ASP B 114 8.11 -2.13 -15.83
C ASP B 114 9.59 -1.98 -16.18
N PHE B 115 10.11 -2.93 -16.94
CA PHE B 115 11.52 -2.95 -17.28
C PHE B 115 12.14 -1.78 -18.03
N TRP B 116 11.47 -1.31 -19.08
N TRP B 116 11.46 -1.31 -19.07
CA TRP B 116 12.02 -0.19 -19.85
CA TRP B 116 11.99 -0.19 -19.86
C TRP B 116 12.09 1.08 -19.01
C TRP B 116 12.08 1.08 -19.02
N GLU B 117 11.27 1.16 -17.97
CA GLU B 117 11.27 2.32 -17.09
C GLU B 117 12.53 2.24 -16.24
N ALA B 118 12.88 1.02 -15.81
CA ALA B 118 14.09 0.80 -15.03
C ALA B 118 15.24 1.20 -15.93
N TRP B 119 15.11 0.88 -17.21
CA TRP B 119 16.12 1.19 -18.22
C TRP B 119 16.31 2.71 -18.32
N LYS B 120 15.22 3.46 -18.32
CA LYS B 120 15.31 4.92 -18.41
C LYS B 120 16.07 5.48 -17.21
N ALA B 121 15.79 4.94 -16.02
CA ALA B 121 16.44 5.40 -14.81
C ALA B 121 17.96 5.21 -14.90
N VAL B 122 18.36 4.05 -15.42
CA VAL B 122 19.77 3.75 -15.57
C VAL B 122 20.44 4.79 -16.45
N GLN B 123 19.77 5.16 -17.54
CA GLN B 123 20.29 6.16 -18.46
C GLN B 123 20.48 7.49 -17.78
N LEU B 124 19.60 7.78 -16.82
CA LEU B 124 19.65 9.04 -16.08
C LEU B 124 20.61 8.94 -14.89
N LYS B 125 21.29 7.81 -14.74
CA LYS B 125 22.24 7.58 -13.67
C LYS B 125 21.55 7.56 -12.30
N LYS B 126 20.34 7.02 -12.26
CA LYS B 126 19.58 6.94 -11.03
C LYS B 126 19.24 5.48 -10.77
N ILE B 127 19.18 5.10 -9.50
CA ILE B 127 18.87 3.73 -9.14
C ILE B 127 17.36 3.45 -9.19
N PRO B 128 16.92 2.56 -10.11
CA PRO B 128 15.50 2.26 -10.18
C PRO B 128 15.13 1.19 -9.14
N VAL B 129 14.04 1.40 -8.41
CA VAL B 129 13.61 0.43 -7.41
C VAL B 129 12.22 -0.09 -7.79
N MET B 130 12.15 -1.39 -8.07
CA MET B 130 10.90 -2.02 -8.45
C MET B 130 10.34 -2.86 -7.32
N GLY B 131 9.05 -3.16 -7.44
CA GLY B 131 8.37 -4.03 -6.50
C GLY B 131 7.93 -5.18 -7.40
N GLY B 132 6.79 -5.79 -7.14
CA GLY B 132 6.35 -6.86 -8.02
C GLY B 132 5.79 -6.27 -9.30
N THR B 133 5.36 -7.11 -10.23
CA THR B 133 4.82 -6.60 -11.49
C THR B 133 3.62 -7.37 -12.03
N HIS B 134 3.54 -8.66 -11.76
CA HIS B 134 2.45 -9.44 -12.32
C HIS B 134 2.10 -10.68 -11.50
N PRO B 135 0.81 -11.02 -11.40
CA PRO B 135 0.35 -12.19 -10.65
C PRO B 135 1.08 -13.42 -11.16
N GLY B 136 1.22 -14.42 -10.31
CA GLY B 136 1.89 -15.63 -10.75
C GLY B 136 3.40 -15.64 -10.53
N HIS B 137 4.00 -14.46 -10.38
N HIS B 137 4.03 -14.47 -10.39
CA HIS B 137 5.44 -14.34 -10.14
CA HIS B 137 5.46 -14.46 -10.15
C HIS B 137 5.77 -13.98 -8.70
C HIS B 137 5.87 -13.72 -8.88
N THR B 138 7.06 -14.07 -8.40
CA THR B 138 7.61 -13.60 -7.14
C THR B 138 8.58 -12.49 -7.57
N THR B 139 9.04 -11.70 -6.61
CA THR B 139 9.99 -10.64 -6.91
C THR B 139 11.31 -11.20 -7.45
N ASP B 140 11.60 -12.47 -7.13
CA ASP B 140 12.80 -13.13 -7.63
C ASP B 140 12.68 -13.19 -9.15
N ALA B 141 11.48 -13.53 -9.62
CA ALA B 141 11.21 -13.62 -11.04
C ALA B 141 11.35 -12.25 -11.68
N VAL B 142 10.93 -11.21 -10.95
CA VAL B 142 11.01 -9.85 -11.45
C VAL B 142 12.48 -9.42 -11.61
N ALA B 143 13.30 -9.67 -10.59
CA ALA B 143 14.72 -9.31 -10.63
C ALA B 143 15.45 -10.09 -11.72
N ALA B 144 15.09 -11.37 -11.89
CA ALA B 144 15.71 -12.21 -12.92
C ALA B 144 15.37 -11.69 -14.31
N LEU B 145 14.10 -11.36 -14.54
CA LEU B 145 13.66 -10.83 -15.82
C LEU B 145 14.25 -9.43 -16.03
N LEU B 146 14.49 -8.72 -14.94
CA LEU B 146 15.05 -7.37 -15.01
C LEU B 146 16.52 -7.47 -15.38
N ALA B 147 17.21 -8.42 -14.76
CA ALA B 147 18.63 -8.64 -15.02
C ALA B 147 18.81 -9.04 -16.47
N GLU B 148 17.88 -9.86 -16.98
CA GLU B 148 17.91 -10.34 -18.36
C GLU B 148 17.59 -9.21 -19.35
N PHE B 149 16.63 -8.35 -19.00
CA PHE B 149 16.25 -7.23 -19.87
C PHE B 149 17.38 -6.19 -19.95
N LEU B 150 18.00 -5.92 -18.81
CA LEU B 150 19.09 -4.95 -18.73
C LEU B 150 20.43 -5.55 -19.14
N LYS B 151 20.44 -6.83 -19.50
CA LYS B 151 21.67 -7.50 -19.87
C LYS B 151 22.66 -7.31 -18.72
N ALA B 152 22.14 -7.27 -17.51
CA ALA B 152 22.94 -7.10 -16.31
C ALA B 152 24.08 -8.11 -16.26
N ASP B 153 25.20 -7.71 -15.67
CA ASP B 153 26.35 -8.59 -15.54
C ASP B 153 26.17 -9.53 -14.35
N LEU B 154 25.54 -9.02 -13.29
CA LEU B 154 25.35 -9.80 -12.08
C LEU B 154 23.94 -9.66 -11.51
N LEU B 155 23.48 -10.72 -10.87
CA LEU B 155 22.18 -10.76 -10.22
C LEU B 155 22.42 -11.20 -8.79
N VAL B 156 22.15 -10.32 -7.83
CA VAL B 156 22.37 -10.63 -6.43
C VAL B 156 21.04 -10.84 -5.70
N VAL B 157 20.84 -12.05 -5.19
CA VAL B 157 19.64 -12.41 -4.47
C VAL B 157 19.92 -12.50 -2.97
N ILE B 158 19.39 -11.54 -2.23
CA ILE B 158 19.56 -11.49 -0.78
C ILE B 158 18.27 -12.04 -0.17
N THR B 159 18.36 -13.22 0.40
CA THR B 159 17.20 -13.87 1.00
C THR B 159 17.33 -14.12 2.51
N ASN B 160 16.55 -15.09 3.01
N ASN B 160 16.55 -15.08 3.01
CA ASN B 160 16.56 -15.41 4.44
CA ASN B 160 16.56 -15.41 4.44
C ASN B 160 17.47 -16.57 4.80
C ASN B 160 17.49 -16.56 4.82
N VAL B 161 18.14 -17.16 3.81
CA VAL B 161 19.04 -18.29 4.06
C VAL B 161 20.45 -18.01 3.53
N ASP B 162 21.45 -18.66 4.14
CA ASP B 162 22.85 -18.50 3.77
C ASP B 162 23.15 -18.73 2.29
N GLY B 163 22.34 -19.57 1.64
CA GLY B 163 22.56 -19.84 0.24
C GLY B 163 21.66 -20.95 -0.28
N VAL B 164 22.17 -21.75 -1.21
CA VAL B 164 21.39 -22.84 -1.77
C VAL B 164 21.77 -24.18 -1.14
N TYR B 165 20.93 -24.66 -0.22
CA TYR B 165 21.17 -25.92 0.45
C TYR B 165 20.37 -27.04 -0.19
N ALA B 175 20.62 -30.43 2.78
CA ALA B 175 21.31 -30.60 4.04
C ALA B 175 22.59 -29.76 4.08
N LYS B 176 23.34 -29.78 2.97
CA LYS B 176 24.58 -29.03 2.87
C LYS B 176 24.42 -27.79 1.97
N LYS B 177 25.47 -26.99 1.87
CA LYS B 177 25.43 -25.79 1.04
C LYS B 177 26.31 -25.86 -0.20
N ILE B 178 25.68 -25.73 -1.37
CA ILE B 178 26.39 -25.76 -2.66
C ILE B 178 26.97 -24.38 -2.92
N LYS B 179 28.27 -24.31 -3.15
CA LYS B 179 28.94 -23.04 -3.40
C LYS B 179 28.92 -22.64 -4.87
N LYS B 180 29.26 -23.58 -5.75
CA LYS B 180 29.29 -23.31 -7.18
C LYS B 180 28.38 -24.31 -7.89
N MET B 181 27.62 -23.81 -8.86
CA MET B 181 26.72 -24.67 -9.62
C MET B 181 26.30 -23.96 -10.90
N LYS B 182 25.54 -24.65 -11.73
CA LYS B 182 25.07 -24.09 -12.99
C LYS B 182 23.54 -24.01 -13.01
N PRO B 183 22.99 -23.17 -13.88
CA PRO B 183 21.53 -23.02 -14.00
C PRO B 183 20.81 -24.37 -14.07
N GLU B 184 21.35 -25.27 -14.88
CA GLU B 184 20.77 -26.60 -15.04
C GLU B 184 20.60 -27.26 -13.67
N GLU B 185 21.66 -27.22 -12.87
CA GLU B 185 21.65 -27.81 -11.53
C GLU B 185 20.66 -27.09 -10.62
N LEU B 186 20.43 -25.80 -10.89
CA LEU B 186 19.52 -25.01 -10.08
C LEU B 186 18.05 -25.36 -10.32
N LEU B 187 17.71 -25.73 -11.54
CA LEU B 187 16.35 -26.10 -11.88
C LEU B 187 15.98 -27.42 -11.19
N GLU B 188 16.97 -28.27 -10.98
CA GLU B 188 16.75 -29.56 -10.33
C GLU B 188 16.38 -29.37 -8.86
N ILE B 189 17.18 -28.59 -8.13
CA ILE B 189 16.92 -28.33 -6.72
C ILE B 189 15.55 -27.69 -6.53
N VAL B 190 15.20 -26.75 -7.42
CA VAL B 190 13.91 -26.07 -7.34
C VAL B 190 12.75 -27.03 -7.58
N GLY B 191 13.01 -28.10 -8.33
CA GLY B 191 11.98 -29.08 -8.59
C GLY B 191 11.94 -30.16 -7.53
N LYS B 192 13.09 -30.40 -6.88
CA LYS B 192 13.20 -31.42 -5.83
C LYS B 192 12.09 -31.27 -4.80
N SER B 201 11.10 -23.23 -1.67
CA SER B 201 11.66 -22.06 -1.01
C SER B 201 12.80 -21.44 -1.84
N VAL B 202 13.74 -20.80 -1.13
CA VAL B 202 14.91 -20.14 -1.71
C VAL B 202 14.65 -19.31 -2.98
N ILE B 203 14.44 -19.96 -4.11
CA ILE B 203 14.19 -19.24 -5.36
C ILE B 203 13.05 -19.83 -6.21
N ASP B 204 12.14 -18.95 -6.63
CA ASP B 204 10.98 -19.32 -7.44
C ASP B 204 11.34 -20.01 -8.77
N PRO B 205 10.55 -21.02 -9.18
CA PRO B 205 10.76 -21.77 -10.42
C PRO B 205 10.86 -20.89 -11.66
N LEU B 206 9.94 -19.93 -11.81
CA LEU B 206 9.97 -19.04 -12.97
C LEU B 206 11.26 -18.25 -12.99
N ALA B 207 11.74 -17.86 -11.81
CA ALA B 207 12.99 -17.11 -11.68
C ALA B 207 14.16 -18.00 -12.12
N ALA B 208 14.10 -19.28 -11.74
CA ALA B 208 15.15 -20.23 -12.10
C ALA B 208 15.16 -20.50 -13.60
N LYS B 209 13.99 -20.53 -14.22
CA LYS B 209 13.88 -20.75 -15.66
C LYS B 209 14.54 -19.60 -16.41
N ILE B 210 14.31 -18.38 -15.92
CA ILE B 210 14.86 -17.19 -16.54
C ILE B 210 16.38 -17.11 -16.37
N ILE B 211 16.86 -17.50 -15.19
CA ILE B 211 18.28 -17.49 -14.92
C ILE B 211 18.99 -18.51 -15.80
N ALA B 212 18.29 -19.61 -16.10
CA ALA B 212 18.85 -20.66 -16.91
C ALA B 212 18.82 -20.36 -18.42
N ARG B 213 17.66 -19.95 -18.93
CA ARG B 213 17.52 -19.66 -20.35
C ARG B 213 18.44 -18.56 -20.88
N SER B 214 18.91 -17.71 -19.98
N SER B 214 18.92 -17.71 -19.98
CA SER B 214 19.80 -16.60 -20.34
CA SER B 214 19.82 -16.63 -20.39
C SER B 214 21.22 -16.77 -19.80
C SER B 214 21.22 -16.79 -19.82
N GLY B 215 21.36 -17.64 -18.81
CA GLY B 215 22.68 -17.86 -18.22
C GLY B 215 23.15 -16.65 -17.44
N ILE B 216 22.27 -16.16 -16.58
CA ILE B 216 22.54 -14.99 -15.75
C ILE B 216 23.36 -15.35 -14.51
N LYS B 217 24.59 -14.85 -14.42
CA LYS B 217 25.42 -15.14 -13.26
C LYS B 217 24.68 -14.63 -12.03
N THR B 218 24.32 -15.54 -11.13
CA THR B 218 23.57 -15.17 -9.94
C THR B 218 24.28 -15.53 -8.63
N ILE B 219 24.11 -14.67 -7.63
CA ILE B 219 24.70 -14.90 -6.32
C ILE B 219 23.59 -14.90 -5.28
N VAL B 220 23.52 -15.95 -4.48
CA VAL B 220 22.50 -16.08 -3.45
C VAL B 220 23.17 -16.02 -2.08
N ILE B 221 22.88 -14.96 -1.32
CA ILE B 221 23.46 -14.79 0.01
C ILE B 221 22.39 -14.48 1.03
N GLY B 222 22.76 -14.48 2.31
CA GLY B 222 21.81 -14.20 3.36
C GLY B 222 21.96 -12.79 3.89
N LYS B 223 21.17 -12.45 4.91
CA LYS B 223 21.23 -11.11 5.48
C LYS B 223 22.61 -10.73 6.00
N GLU B 224 23.39 -11.73 6.42
CA GLU B 224 24.73 -11.48 6.94
C GLU B 224 25.73 -10.95 5.91
N ASP B 225 25.83 -11.62 4.77
CA ASP B 225 26.74 -11.17 3.73
C ASP B 225 26.28 -9.84 3.14
N ALA B 226 24.97 -9.62 3.16
CA ALA B 226 24.38 -8.40 2.62
C ALA B 226 24.78 -7.15 3.41
N LYS B 227 25.53 -7.36 4.50
CA LYS B 227 25.97 -6.23 5.32
C LYS B 227 27.18 -5.52 4.72
N ASP B 228 27.74 -6.11 3.66
CA ASP B 228 28.89 -5.52 2.97
C ASP B 228 28.81 -5.89 1.49
N LEU B 229 27.87 -5.28 0.79
CA LEU B 229 27.66 -5.53 -0.63
C LEU B 229 28.90 -5.28 -1.47
N PHE B 230 29.53 -4.14 -1.24
CA PHE B 230 30.73 -3.76 -1.99
C PHE B 230 31.69 -4.92 -2.23
N ARG B 231 31.83 -5.79 -1.25
CA ARG B 231 32.72 -6.94 -1.36
C ARG B 231 31.99 -8.19 -1.85
N VAL B 232 30.68 -8.24 -1.61
CA VAL B 232 29.88 -9.37 -2.06
C VAL B 232 29.97 -9.50 -3.58
N ILE B 233 29.96 -8.37 -4.27
CA ILE B 233 30.03 -8.36 -5.73
C ILE B 233 31.44 -8.66 -6.22
N LYS B 234 32.40 -8.69 -5.30
CA LYS B 234 33.79 -8.97 -5.62
C LYS B 234 34.05 -10.47 -5.55
N GLY B 235 33.02 -11.22 -5.18
CA GLY B 235 33.16 -12.65 -5.06
C GLY B 235 33.44 -13.08 -3.64
N ASP B 236 33.61 -12.10 -2.75
CA ASP B 236 33.89 -12.38 -1.34
C ASP B 236 32.59 -12.48 -0.55
N HIS B 237 32.13 -13.71 -0.35
CA HIS B 237 30.89 -13.98 0.37
C HIS B 237 30.79 -15.48 0.62
N ASN B 238 29.96 -15.89 1.56
CA ASN B 238 29.81 -17.31 1.86
C ASN B 238 28.45 -17.80 1.37
N GLY B 239 28.15 -17.51 0.10
CA GLY B 239 26.89 -17.92 -0.47
C GLY B 239 27.04 -18.86 -1.66
N THR B 240 26.09 -18.81 -2.57
CA THR B 240 26.09 -19.66 -3.75
C THR B 240 26.24 -18.84 -5.03
N THR B 241 27.09 -19.32 -5.93
CA THR B 241 27.32 -18.66 -7.21
C THR B 241 26.82 -19.54 -8.34
N ILE B 242 25.70 -19.16 -8.94
CA ILE B 242 25.12 -19.93 -10.02
C ILE B 242 25.46 -19.30 -11.38
N GLU B 243 26.26 -20.01 -12.16
CA GLU B 243 26.66 -19.52 -13.48
C GLU B 243 27.12 -20.66 -14.40
N PRO B 244 26.87 -20.52 -15.70
CA PRO B 244 27.28 -21.55 -16.68
C PRO B 244 28.79 -21.78 -16.66
#